data_7NYE
#
_entry.id   7NYE
#
_cell.length_a   82.490
_cell.length_b   112.444
_cell.length_c   62.574
_cell.angle_alpha   90.000
_cell.angle_beta   90.000
_cell.angle_gamma   90.000
#
_symmetry.space_group_name_H-M   'C 2 2 21'
#
loop_
_entity.id
_entity.type
_entity.pdbx_description
1 polymer '14-3-3 protein sigma'
2 polymer 'Transcription factor p65'
3 non-polymer 4-(4-propan-2-ylpiperazin-1-yl)sulfonylbenzaldehyde
4 non-polymer GLYCEROL
5 water water
#
loop_
_entity_poly.entity_id
_entity_poly.type
_entity_poly.pdbx_seq_one_letter_code
_entity_poly.pdbx_strand_id
1 'polypeptide(L)'
;GAMGSMERASLIQKAKLAEQAERYEDMAAFMKGAVEKGEELS(CSO)EERNLLSVAYKNVVGGQRAAWRVLSSIEQKSNE
EGSEEKGPEVREYREKVETELQGVCDTVLGLLDSHLIKEAGDAESRVFYLKMKGDYYRYLAEVATGDDKKRIIDSARSAY
QEAMDISKKEMPPTNPIRLGLALNFSVFHYEIANSPEEAISLAKTTFDEAMADLHTLSEDSYKDSTLIMQLLRDNLTLWT
;
A
2 'polypeptide(L)' EGRSAG(SEP)IPGRRS P
#
loop_
_chem_comp.id
_chem_comp.type
_chem_comp.name
_chem_comp.formula
GOL non-polymer GLYCEROL 'C3 H8 O3'
UVH non-polymer 4-(4-propan-2-ylpiperazin-1-yl)sulfonylbenzaldehyde 'C14 H20 N2 O3 S'
#
# COMPACT_ATOMS: atom_id res chain seq x y z
N ALA A 2 -14.00 7.98 -18.08
CA ALA A 2 -14.84 6.80 -18.00
C ALA A 2 -16.02 7.08 -17.08
N MET A 3 -15.74 7.64 -15.89
CA MET A 3 -16.77 7.82 -14.89
C MET A 3 -17.23 9.25 -14.75
N GLY A 4 -16.89 10.12 -15.70
CA GLY A 4 -17.19 11.53 -15.58
C GLY A 4 -18.66 11.86 -15.49
N SER A 5 -19.52 11.02 -16.05
N SER A 5 -19.51 10.99 -16.02
CA SER A 5 -20.96 11.31 -15.99
CA SER A 5 -20.95 11.24 -16.01
C SER A 5 -21.64 10.77 -14.74
C SER A 5 -21.64 10.77 -14.75
N MET A 6 -20.97 10.02 -13.88
CA MET A 6 -21.63 9.51 -12.69
C MET A 6 -21.38 10.41 -11.50
N GLU A 7 -22.41 10.60 -10.70
CA GLU A 7 -22.26 11.41 -9.47
C GLU A 7 -21.19 10.83 -8.56
N ARG A 8 -20.47 11.71 -7.86
CA ARG A 8 -19.53 11.26 -6.85
C ARG A 8 -20.15 10.30 -5.85
N ALA A 9 -21.32 10.63 -5.31
CA ALA A 9 -21.89 9.80 -4.26
C ALA A 9 -22.27 8.43 -4.80
N SER A 10 -22.68 8.39 -6.07
CA SER A 10 -23.01 7.11 -6.71
C SER A 10 -21.77 6.26 -6.95
N LEU A 11 -20.64 6.89 -7.32
CA LEU A 11 -19.39 6.14 -7.44
C LEU A 11 -18.97 5.53 -6.11
N ILE A 12 -19.12 6.29 -5.02
N ILE A 12 -19.14 6.26 -5.02
CA ILE A 12 -18.77 5.77 -3.70
CA ILE A 12 -18.73 5.70 -3.74
C ILE A 12 -19.68 4.62 -3.32
C ILE A 12 -19.69 4.60 -3.30
N GLN A 13 -20.99 4.78 -3.55
CA GLN A 13 -21.93 3.72 -3.23
C GLN A 13 -21.63 2.45 -4.05
N LYS A 14 -21.33 2.61 -5.34
CA LYS A 14 -21.02 1.45 -6.17
C LYS A 14 -19.69 0.84 -5.78
N ALA A 15 -18.70 1.63 -5.32
CA ALA A 15 -17.46 1.02 -4.84
C ALA A 15 -17.73 0.12 -3.65
N LYS A 16 -18.66 0.52 -2.76
CA LYS A 16 -18.98 -0.33 -1.61
C LYS A 16 -19.68 -1.61 -2.06
N LEU A 17 -20.59 -1.49 -3.03
CA LEU A 17 -21.25 -2.68 -3.57
C LEU A 17 -20.24 -3.59 -4.25
N ALA A 18 -19.30 -3.01 -5.02
CA ALA A 18 -18.31 -3.83 -5.69
C ALA A 18 -17.44 -4.56 -4.69
N GLU A 19 -17.09 -3.94 -3.57
CA GLU A 19 -16.36 -4.68 -2.54
C GLU A 19 -17.18 -5.89 -2.04
N GLN A 20 -18.47 -5.70 -1.77
CA GLN A 20 -19.31 -6.81 -1.30
C GLN A 20 -19.37 -7.91 -2.32
N ALA A 21 -19.35 -7.57 -3.59
CA ALA A 21 -19.44 -8.53 -4.68
C ALA A 21 -18.08 -9.09 -5.07
N GLU A 22 -17.02 -8.63 -4.39
CA GLU A 22 -15.63 -9.04 -4.69
C GLU A 22 -15.25 -8.75 -6.14
N ARG A 23 -15.69 -7.58 -6.61
CA ARG A 23 -15.42 -7.07 -7.93
C ARG A 23 -14.42 -5.93 -7.79
N TYR A 24 -13.16 -6.29 -7.58
CA TYR A 24 -12.20 -5.27 -7.17
C TYR A 24 -11.73 -4.40 -8.32
N GLU A 25 -11.68 -4.90 -9.55
N GLU A 25 -11.67 -4.92 -9.55
CA GLU A 25 -11.38 -4.01 -10.67
CA GLU A 25 -11.40 -4.05 -10.68
C GLU A 25 -12.47 -2.96 -10.81
C GLU A 25 -12.47 -2.97 -10.79
N ASP A 26 -13.75 -3.35 -10.68
CA ASP A 26 -14.81 -2.35 -10.71
C ASP A 26 -14.65 -1.39 -9.55
N MET A 27 -14.35 -1.92 -8.36
CA MET A 27 -14.18 -1.06 -7.20
C MET A 27 -13.14 -0.01 -7.44
N ALA A 28 -12.00 -0.41 -7.99
CA ALA A 28 -10.93 0.53 -8.26
C ALA A 28 -11.34 1.55 -9.30
N ALA A 29 -12.07 1.13 -10.36
CA ALA A 29 -12.51 2.10 -11.34
C ALA A 29 -13.51 3.11 -10.76
N PHE A 30 -14.42 2.67 -9.90
CA PHE A 30 -15.32 3.60 -9.23
C PHE A 30 -14.56 4.58 -8.36
N MET A 31 -13.57 4.08 -7.58
CA MET A 31 -12.85 5.01 -6.70
C MET A 31 -11.94 5.94 -7.49
N LYS A 32 -11.34 5.49 -8.60
CA LYS A 32 -10.63 6.40 -9.48
C LYS A 32 -11.54 7.52 -9.95
N GLY A 33 -12.74 7.13 -10.41
CA GLY A 33 -13.71 8.14 -10.82
C GLY A 33 -14.02 9.11 -9.68
N ALA A 34 -14.18 8.61 -8.45
CA ALA A 34 -14.47 9.51 -7.34
C ALA A 34 -13.30 10.45 -7.08
N VAL A 35 -12.07 9.96 -7.11
CA VAL A 35 -10.92 10.85 -6.91
C VAL A 35 -10.91 11.93 -7.96
N GLU A 36 -11.18 11.55 -9.20
CA GLU A 36 -11.10 12.50 -10.31
C GLU A 36 -12.20 13.55 -10.27
N LYS A 37 -13.18 13.44 -9.38
CA LYS A 37 -14.10 14.55 -9.17
C LYS A 37 -13.40 15.77 -8.60
N GLY A 38 -12.23 15.58 -7.98
CA GLY A 38 -11.41 16.69 -7.55
C GLY A 38 -11.58 17.08 -6.11
N GLU A 39 -12.56 16.54 -5.39
N GLU A 39 -12.53 16.49 -5.40
CA GLU A 39 -12.68 16.84 -3.98
CA GLU A 39 -12.74 16.76 -3.99
C GLU A 39 -11.77 15.94 -3.17
C GLU A 39 -11.81 15.90 -3.15
N GLU A 40 -11.38 16.42 -2.00
CA GLU A 40 -10.65 15.58 -1.05
C GLU A 40 -11.51 14.38 -0.63
N LEU A 41 -10.85 13.32 -0.15
CA LEU A 41 -11.51 12.09 0.29
C LEU A 41 -11.60 12.06 1.81
N SER A 42 -12.69 11.56 2.32
CA SER A 42 -12.82 11.29 3.75
C SER A 42 -12.01 10.06 4.18
N CSO A 43 -11.93 9.75 5.49
N CSO A 43 -11.95 9.79 5.48
CA CSO A 43 -11.18 8.58 5.94
CA CSO A 43 -11.23 8.67 5.95
CB CSO A 43 -11.17 8.50 7.49
CB CSO A 43 -11.42 8.71 7.48
SG CSO A 43 -10.55 6.92 8.17
SG CSO A 43 -10.64 7.33 8.26
C CSO A 43 -11.76 7.30 5.35
C CSO A 43 -11.77 7.39 5.32
O CSO A 43 -11.05 6.39 4.91
O CSO A 43 -11.00 6.57 4.81
OD CSO A 43 -8.77 6.94 8.01
OD CSO A 43 -11.80 5.94 8.26
N GLU A 44 -13.07 7.20 5.34
CA GLU A 44 -13.70 6.00 4.80
C GLU A 44 -13.43 5.88 3.28
N GLU A 45 -13.51 7.02 2.57
CA GLU A 45 -13.27 6.99 1.12
C GLU A 45 -11.81 6.66 0.80
N ARG A 46 -10.86 7.16 1.60
CA ARG A 46 -9.45 6.80 1.42
C ARG A 46 -9.27 5.30 1.58
N ASN A 47 -9.92 4.71 2.58
CA ASN A 47 -9.84 3.28 2.76
C ASN A 47 -10.43 2.53 1.59
N LEU A 48 -11.55 2.99 1.03
CA LEU A 48 -12.08 2.30 -0.14
C LEU A 48 -11.12 2.36 -1.32
N LEU A 49 -10.50 3.50 -1.55
CA LEU A 49 -9.52 3.61 -2.63
C LEU A 49 -8.37 2.64 -2.41
N SER A 50 -7.84 2.60 -1.18
CA SER A 50 -6.70 1.73 -0.90
C SER A 50 -7.08 0.26 -0.99
N VAL A 51 -8.22 -0.14 -0.46
CA VAL A 51 -8.62 -1.56 -0.53
C VAL A 51 -8.78 -1.99 -1.98
N ALA A 52 -9.39 -1.14 -2.80
CA ALA A 52 -9.66 -1.53 -4.19
C ALA A 52 -8.35 -1.81 -4.91
N TYR A 53 -7.41 -0.87 -4.86
CA TYR A 53 -6.15 -1.04 -5.57
C TYR A 53 -5.28 -2.10 -4.92
N LYS A 54 -5.34 -2.29 -3.59
CA LYS A 54 -4.50 -3.32 -3.01
C LYS A 54 -4.95 -4.69 -3.48
N ASN A 55 -6.25 -4.90 -3.64
CA ASN A 55 -6.74 -6.16 -4.18
C ASN A 55 -6.37 -6.33 -5.64
N VAL A 56 -6.49 -5.28 -6.46
CA VAL A 56 -6.14 -5.44 -7.87
C VAL A 56 -4.66 -5.76 -8.01
N VAL A 57 -3.82 -4.94 -7.39
N VAL A 57 -3.80 -4.91 -7.44
CA VAL A 57 -2.39 -5.16 -7.56
CA VAL A 57 -2.36 -5.17 -7.55
C VAL A 57 -1.96 -6.40 -6.82
C VAL A 57 -1.98 -6.45 -6.84
N GLY A 58 -2.66 -6.81 -5.74
CA GLY A 58 -2.29 -8.05 -5.07
C GLY A 58 -2.49 -9.26 -5.94
N GLY A 59 -3.57 -9.29 -6.72
CA GLY A 59 -3.75 -10.40 -7.65
C GLY A 59 -2.69 -10.40 -8.73
N GLN A 60 -2.32 -9.21 -9.24
CA GLN A 60 -1.28 -9.13 -10.26
C GLN A 60 0.06 -9.58 -9.72
N ARG A 61 0.40 -9.16 -8.51
CA ARG A 61 1.67 -9.57 -7.92
C ARG A 61 1.73 -11.06 -7.71
N ALA A 62 0.64 -11.66 -7.24
CA ALA A 62 0.63 -13.10 -7.05
C ALA A 62 0.81 -13.81 -8.37
N ALA A 63 0.17 -13.33 -9.44
CA ALA A 63 0.34 -13.93 -10.76
C ALA A 63 1.76 -13.76 -11.27
N TRP A 64 2.34 -12.56 -11.11
CA TRP A 64 3.70 -12.29 -11.54
C TRP A 64 4.66 -13.21 -10.82
N ARG A 65 4.47 -13.47 -9.54
CA ARG A 65 5.37 -14.36 -8.82
C ARG A 65 5.27 -15.77 -9.33
N VAL A 66 4.05 -16.25 -9.65
CA VAL A 66 3.92 -17.61 -10.21
C VAL A 66 4.66 -17.72 -11.53
N LEU A 67 4.46 -16.75 -12.41
CA LEU A 67 5.06 -16.76 -13.72
C LEU A 67 6.57 -16.58 -13.64
N SER A 68 7.04 -15.69 -12.76
N SER A 68 7.05 -15.72 -12.75
CA SER A 68 8.48 -15.49 -12.59
CA SER A 68 8.49 -15.54 -12.60
C SER A 68 9.16 -16.77 -12.08
C SER A 68 9.13 -16.83 -12.13
N SER A 69 8.48 -17.53 -11.23
CA SER A 69 9.04 -18.79 -10.74
C SER A 69 9.16 -19.80 -11.87
N ILE A 70 8.13 -19.91 -12.69
CA ILE A 70 8.17 -20.84 -13.83
C ILE A 70 9.26 -20.43 -14.79
N GLU A 71 9.41 -19.14 -15.04
CA GLU A 71 10.41 -18.63 -15.96
C GLU A 71 11.81 -18.92 -15.45
N GLN A 72 12.04 -18.73 -14.15
CA GLN A 72 13.38 -18.98 -13.61
C GLN A 72 13.72 -20.46 -13.67
N LYS A 73 12.76 -21.33 -13.37
CA LYS A 73 12.95 -22.77 -13.50
C LYS A 73 13.28 -23.15 -14.95
N SER A 74 12.58 -22.55 -15.93
CA SER A 74 12.83 -22.85 -17.33
C SER A 74 14.22 -22.40 -17.77
N ASN A 75 14.87 -21.52 -17.02
CA ASN A 75 16.23 -21.09 -17.31
C ASN A 75 17.26 -21.79 -16.42
N GLU A 76 16.97 -23.01 -15.96
CA GLU A 76 17.86 -23.72 -15.05
C GLU A 76 18.61 -24.86 -15.77
N GLY A 83 10.27 -22.25 -25.27
CA GLY A 83 10.00 -21.12 -26.14
C GLY A 83 9.82 -19.79 -25.41
N PRO A 84 9.44 -18.75 -26.17
CA PRO A 84 9.29 -17.42 -25.58
C PRO A 84 8.02 -17.22 -24.72
N GLU A 85 7.14 -18.20 -24.61
CA GLU A 85 5.79 -17.94 -24.09
C GLU A 85 5.80 -17.57 -22.62
N VAL A 86 6.60 -18.22 -21.78
CA VAL A 86 6.55 -17.91 -20.35
C VAL A 86 7.04 -16.48 -20.12
N ARG A 87 8.17 -16.12 -20.73
CA ARG A 87 8.65 -14.76 -20.63
C ARG A 87 7.65 -13.76 -21.19
N GLU A 88 7.06 -14.05 -22.35
CA GLU A 88 6.12 -13.12 -22.93
C GLU A 88 4.94 -12.89 -22.00
N TYR A 89 4.42 -13.96 -21.42
CA TYR A 89 3.24 -13.80 -20.57
C TYR A 89 3.60 -13.15 -19.25
N ARG A 90 4.77 -13.49 -18.66
CA ARG A 90 5.24 -12.76 -17.48
C ARG A 90 5.37 -11.27 -17.79
N GLU A 91 5.89 -10.92 -18.97
CA GLU A 91 6.02 -9.52 -19.37
C GLU A 91 4.66 -8.88 -19.50
N LYS A 92 3.66 -9.60 -20.01
CA LYS A 92 2.34 -8.99 -20.16
C LYS A 92 1.77 -8.67 -18.78
N VAL A 93 1.83 -9.62 -17.87
CA VAL A 93 1.33 -9.38 -16.51
C VAL A 93 2.13 -8.27 -15.85
N GLU A 94 3.44 -8.23 -16.05
CA GLU A 94 4.26 -7.19 -15.46
C GLU A 94 3.85 -5.82 -15.98
N THR A 95 3.58 -5.69 -17.28
CA THR A 95 3.22 -4.40 -17.82
C THR A 95 1.87 -3.96 -17.26
N GLU A 96 0.93 -4.89 -17.07
N GLU A 96 0.93 -4.89 -17.13
CA GLU A 96 -0.39 -4.50 -16.54
CA GLU A 96 -0.36 -4.55 -16.56
C GLU A 96 -0.28 -4.10 -15.07
C GLU A 96 -0.17 -4.04 -15.13
N LEU A 97 0.61 -4.78 -14.33
CA LEU A 97 0.88 -4.39 -12.95
C LEU A 97 1.50 -3.00 -12.89
N GLN A 98 2.49 -2.73 -13.71
CA GLN A 98 3.10 -1.42 -13.74
C GLN A 98 2.09 -0.37 -14.09
N GLY A 99 1.15 -0.67 -15.00
CA GLY A 99 0.15 0.30 -15.36
C GLY A 99 -0.77 0.64 -14.21
N VAL A 100 -1.18 -0.34 -13.41
CA VAL A 100 -2.00 -0.07 -12.24
C VAL A 100 -1.21 0.76 -11.22
N CYS A 101 0.06 0.42 -10.98
CA CYS A 101 0.83 1.21 -10.04
C CYS A 101 0.98 2.63 -10.52
N ASP A 102 1.23 2.83 -11.81
CA ASP A 102 1.33 4.18 -12.36
C ASP A 102 0.01 4.93 -12.23
N THR A 103 -1.12 4.24 -12.39
CA THR A 103 -2.42 4.91 -12.23
C THR A 103 -2.59 5.41 -10.80
N VAL A 104 -2.29 4.57 -9.81
CA VAL A 104 -2.44 4.97 -8.40
C VAL A 104 -1.49 6.11 -8.10
N LEU A 105 -0.22 5.98 -8.53
CA LEU A 105 0.73 7.06 -8.28
C LEU A 105 0.27 8.35 -8.94
N GLY A 106 -0.38 8.24 -10.10
CA GLY A 106 -0.87 9.43 -10.77
C GLY A 106 -2.01 10.09 -10.02
N LEU A 107 -2.89 9.29 -9.40
CA LEU A 107 -3.93 9.89 -8.57
C LEU A 107 -3.33 10.59 -7.35
N LEU A 108 -2.33 9.97 -6.75
CA LEU A 108 -1.69 10.61 -5.60
C LEU A 108 -1.03 11.91 -5.99
N ASP A 109 -0.40 11.96 -7.16
CA ASP A 109 0.28 13.16 -7.61
C ASP A 109 -0.66 14.18 -8.20
N SER A 110 -1.87 13.80 -8.62
CA SER A 110 -2.82 14.72 -9.27
C SER A 110 -4.21 14.42 -8.75
N HIS A 111 -4.57 14.91 -7.56
CA HIS A 111 -3.82 15.87 -6.74
C HIS A 111 -3.98 15.55 -5.26
N LEU A 112 -4.06 14.24 -4.92
CA LEU A 112 -4.43 13.87 -3.56
C LEU A 112 -3.40 14.36 -2.52
N ILE A 113 -2.11 14.13 -2.75
CA ILE A 113 -1.11 14.49 -1.74
C ILE A 113 -1.07 15.99 -1.53
N LYS A 114 -1.02 16.76 -2.60
CA LYS A 114 -0.83 18.19 -2.43
C LYS A 114 -1.99 18.83 -1.71
N GLU A 115 -3.20 18.26 -1.80
CA GLU A 115 -4.33 18.85 -1.09
C GLU A 115 -4.50 18.29 0.32
N ALA A 116 -3.66 17.33 0.72
CA ALA A 116 -3.80 16.66 2.03
C ALA A 116 -2.97 17.42 3.07
N GLY A 117 -3.66 18.15 3.93
CA GLY A 117 -3.01 18.96 4.96
C GLY A 117 -3.12 18.37 6.35
N ASP A 118 -4.11 17.55 6.61
CA ASP A 118 -4.11 16.99 7.93
C ASP A 118 -3.14 15.82 7.95
N ALA A 119 -2.54 15.57 9.09
CA ALA A 119 -1.55 14.51 9.17
C ALA A 119 -2.14 13.16 8.78
N GLU A 120 -3.39 12.88 9.16
CA GLU A 120 -3.93 11.57 8.89
C GLU A 120 -4.06 11.33 7.39
N SER A 121 -4.50 12.33 6.64
N SER A 121 -4.50 12.34 6.65
CA SER A 121 -4.62 12.10 5.22
CA SER A 121 -4.65 12.18 5.21
C SER A 121 -3.26 12.08 4.55
C SER A 121 -3.30 12.14 4.53
N ARG A 122 -2.38 13.01 4.92
CA ARG A 122 -1.09 13.09 4.27
C ARG A 122 -0.25 11.84 4.49
N VAL A 123 -0.20 11.34 5.74
CA VAL A 123 0.50 10.09 6.01
C VAL A 123 -0.13 8.93 5.22
N PHE A 124 -1.48 8.86 5.18
CA PHE A 124 -2.12 7.77 4.45
C PHE A 124 -1.68 7.77 3.00
N TYR A 125 -1.68 8.94 2.34
CA TYR A 125 -1.34 8.97 0.92
C TYR A 125 0.14 8.72 0.70
N LEU A 126 1.01 9.22 1.59
CA LEU A 126 2.42 8.95 1.41
C LEU A 126 2.76 7.49 1.64
N LYS A 127 2.08 6.82 2.58
CA LYS A 127 2.25 5.38 2.72
C LYS A 127 1.82 4.67 1.43
N MET A 128 0.68 5.07 0.83
CA MET A 128 0.31 4.49 -0.46
C MET A 128 1.41 4.72 -1.49
N LYS A 129 1.97 5.92 -1.54
CA LYS A 129 2.98 6.22 -2.53
C LYS A 129 4.17 5.29 -2.33
N GLY A 130 4.61 5.10 -1.06
CA GLY A 130 5.70 4.16 -0.81
C GLY A 130 5.34 2.74 -1.25
N ASP A 131 4.13 2.30 -0.94
CA ASP A 131 3.70 0.94 -1.31
C ASP A 131 3.72 0.72 -2.82
N TYR A 132 3.20 1.69 -3.59
CA TYR A 132 3.11 1.43 -5.04
C TYR A 132 4.48 1.57 -5.70
N TYR A 133 5.37 2.43 -5.21
CA TYR A 133 6.75 2.36 -5.69
C TYR A 133 7.41 1.06 -5.27
N ARG A 134 7.08 0.53 -4.09
CA ARG A 134 7.65 -0.75 -3.68
C ARG A 134 7.18 -1.86 -4.63
N TYR A 135 5.90 -1.87 -5.03
CA TYR A 135 5.47 -2.88 -5.99
C TYR A 135 6.15 -2.71 -7.34
N LEU A 136 6.36 -1.47 -7.79
CA LEU A 136 7.20 -1.27 -8.98
C LEU A 136 8.59 -1.85 -8.76
N ALA A 137 9.18 -1.62 -7.58
CA ALA A 137 10.55 -2.11 -7.33
C ALA A 137 10.63 -3.61 -7.36
N GLU A 138 9.56 -4.32 -6.94
CA GLU A 138 9.56 -5.77 -6.92
C GLU A 138 9.82 -6.35 -8.32
N VAL A 139 9.40 -5.66 -9.38
CA VAL A 139 9.53 -6.18 -10.76
C VAL A 139 10.59 -5.45 -11.54
N ALA A 140 11.24 -4.46 -10.96
CA ALA A 140 12.23 -3.70 -11.67
C ALA A 140 13.57 -4.41 -11.70
N THR A 141 14.29 -4.21 -12.81
CA THR A 141 15.59 -4.84 -13.01
C THR A 141 16.61 -3.80 -13.45
N GLY A 142 17.65 -3.59 -12.63
CA GLY A 142 18.83 -2.83 -12.99
C GLY A 142 19.00 -1.51 -12.27
N ASP A 143 19.47 -0.49 -12.98
CA ASP A 143 19.65 0.82 -12.37
C ASP A 143 18.32 1.57 -12.23
N ASP A 144 17.39 1.40 -13.16
CA ASP A 144 16.08 2.00 -12.92
C ASP A 144 15.46 1.45 -11.64
N LYS A 145 15.81 0.22 -11.27
CA LYS A 145 15.42 -0.29 -9.98
C LYS A 145 15.91 0.65 -8.89
N LYS A 146 17.11 1.23 -9.03
CA LYS A 146 17.65 2.09 -7.96
C LYS A 146 16.79 3.32 -7.77
N ARG A 147 16.37 3.99 -8.83
CA ARG A 147 15.63 5.22 -8.66
C ARG A 147 14.22 4.91 -8.12
N ILE A 148 13.67 3.75 -8.52
CA ILE A 148 12.34 3.38 -8.03
C ILE A 148 12.42 3.09 -6.54
N ILE A 149 13.48 2.38 -6.10
CA ILE A 149 13.68 2.08 -4.70
C ILE A 149 13.80 3.37 -3.92
N ASP A 150 14.54 4.35 -4.47
CA ASP A 150 14.67 5.61 -3.75
C ASP A 150 13.37 6.37 -3.63
N SER A 151 12.53 6.28 -4.67
CA SER A 151 11.24 6.94 -4.59
C SER A 151 10.36 6.30 -3.51
N ALA A 152 10.40 4.96 -3.38
CA ALA A 152 9.63 4.33 -2.29
C ALA A 152 10.17 4.81 -0.95
N ARG A 153 11.50 4.78 -0.81
N ARG A 153 11.50 4.77 -0.80
CA ARG A 153 12.12 5.15 0.46
CA ARG A 153 12.11 5.14 0.47
C ARG A 153 11.75 6.56 0.86
C ARG A 153 11.75 6.56 0.86
N SER A 154 11.81 7.49 -0.10
CA SER A 154 11.56 8.88 0.19
C SER A 154 10.11 9.09 0.64
N ALA A 155 9.15 8.44 -0.03
CA ALA A 155 7.76 8.56 0.36
C ALA A 155 7.52 8.02 1.76
N TYR A 156 8.05 6.79 2.02
CA TYR A 156 7.88 6.24 3.36
C TYR A 156 8.55 7.10 4.42
N GLN A 157 9.71 7.67 4.10
CA GLN A 157 10.43 8.46 5.13
C GLN A 157 9.68 9.72 5.45
N GLU A 158 9.14 10.41 4.44
CA GLU A 158 8.34 11.59 4.74
C GLU A 158 7.12 11.22 5.58
N ALA A 159 6.44 10.12 5.25
CA ALA A 159 5.30 9.69 6.05
C ALA A 159 5.73 9.38 7.48
N MET A 160 6.90 8.73 7.65
CA MET A 160 7.36 8.40 8.99
C MET A 160 7.62 9.67 9.77
N ASP A 161 8.26 10.66 9.14
CA ASP A 161 8.60 11.89 9.86
C ASP A 161 7.33 12.58 10.34
N ILE A 162 6.30 12.66 9.49
CA ILE A 162 5.06 13.30 9.91
C ILE A 162 4.41 12.48 11.00
N SER A 163 4.34 11.15 10.82
CA SER A 163 3.62 10.29 11.78
C SER A 163 4.23 10.39 13.17
N LYS A 164 5.54 10.47 13.25
CA LYS A 164 6.18 10.52 14.58
C LYS A 164 5.93 11.86 15.26
N LYS A 165 5.80 12.93 14.49
CA LYS A 165 5.51 14.26 15.03
C LYS A 165 4.05 14.42 15.41
N GLU A 166 3.11 13.85 14.62
CA GLU A 166 1.70 14.21 14.69
C GLU A 166 0.75 13.14 15.18
N MET A 167 1.18 11.88 15.30
CA MET A 167 0.27 10.82 15.68
C MET A 167 0.83 10.07 16.87
N PRO A 168 -0.04 9.50 17.71
CA PRO A 168 0.45 8.66 18.82
C PRO A 168 1.04 7.37 18.27
N PRO A 169 1.88 6.72 19.05
CA PRO A 169 2.55 5.51 18.59
C PRO A 169 1.63 4.36 18.36
N THR A 170 0.38 4.38 18.85
CA THR A 170 -0.59 3.33 18.58
C THR A 170 -1.49 3.61 17.39
N ASN A 171 -1.37 4.76 16.75
CA ASN A 171 -2.30 5.06 15.65
C ASN A 171 -2.18 3.97 14.58
N PRO A 172 -3.27 3.36 14.11
CA PRO A 172 -3.16 2.25 13.18
C PRO A 172 -2.47 2.60 11.86
N ILE A 173 -2.65 3.82 11.36
CA ILE A 173 -1.95 4.19 10.13
C ILE A 173 -0.46 4.32 10.40
N ARG A 174 -0.08 4.94 11.50
CA ARG A 174 1.33 4.98 11.90
C ARG A 174 1.93 3.58 12.02
N LEU A 175 1.18 2.65 12.62
CA LEU A 175 1.65 1.29 12.77
C LEU A 175 1.78 0.59 11.44
N GLY A 176 0.75 0.72 10.58
CA GLY A 176 0.81 0.05 9.29
C GLY A 176 1.91 0.62 8.39
N LEU A 177 2.12 1.93 8.47
CA LEU A 177 3.26 2.55 7.76
C LEU A 177 4.57 1.95 8.21
N ALA A 178 4.78 1.84 9.51
CA ALA A 178 6.04 1.28 10.02
C ALA A 178 6.17 -0.17 9.62
N LEU A 179 5.08 -0.93 9.67
CA LEU A 179 5.14 -2.31 9.22
C LEU A 179 5.59 -2.39 7.77
N ASN A 180 4.95 -1.61 6.90
CA ASN A 180 5.27 -1.72 5.47
C ASN A 180 6.65 -1.17 5.15
N PHE A 181 7.12 -0.12 5.85
CA PHE A 181 8.47 0.39 5.68
C PHE A 181 9.48 -0.65 6.14
N SER A 182 9.17 -1.39 7.21
N SER A 182 9.17 -1.34 7.22
CA SER A 182 10.08 -2.46 7.63
CA SER A 182 10.03 -2.42 7.66
C SER A 182 10.14 -3.55 6.60
C SER A 182 10.15 -3.50 6.60
N VAL A 183 9.03 -3.88 5.97
CA VAL A 183 9.07 -4.87 4.86
C VAL A 183 9.87 -4.34 3.68
N PHE A 184 9.70 -3.06 3.33
CA PHE A 184 10.58 -2.44 2.36
C PHE A 184 12.05 -2.67 2.71
N HIS A 185 12.43 -2.38 3.98
CA HIS A 185 13.85 -2.53 4.32
C HIS A 185 14.29 -3.97 4.15
N TYR A 186 13.47 -4.91 4.59
CA TYR A 186 13.87 -6.31 4.58
C TYR A 186 13.89 -6.86 3.16
N GLU A 187 12.86 -6.57 2.38
CA GLU A 187 12.65 -7.26 1.11
C GLU A 187 13.22 -6.54 -0.07
N ILE A 188 13.28 -5.22 -0.04
CA ILE A 188 13.62 -4.44 -1.21
C ILE A 188 15.00 -3.83 -1.05
N ALA A 189 15.27 -3.21 0.13
CA ALA A 189 16.49 -2.44 0.33
C ALA A 189 17.64 -3.29 0.86
N ASN A 190 17.46 -4.57 1.05
CA ASN A 190 18.51 -5.46 1.57
C ASN A 190 19.07 -4.93 2.88
N SER A 191 18.18 -4.43 3.77
CA SER A 191 18.57 -3.89 5.07
C SER A 191 17.80 -4.62 6.16
N PRO A 192 18.03 -5.91 6.35
CA PRO A 192 17.27 -6.65 7.37
C PRO A 192 17.48 -6.09 8.76
N GLU A 193 18.65 -5.61 9.13
CA GLU A 193 18.80 -5.10 10.48
C GLU A 193 17.98 -3.83 10.69
N GLU A 194 17.86 -2.96 9.67
CA GLU A 194 17.00 -1.79 9.77
C GLU A 194 15.54 -2.21 9.88
N ALA A 195 15.16 -3.24 9.15
CA ALA A 195 13.79 -3.77 9.23
C ALA A 195 13.48 -4.23 10.66
N ILE A 196 14.38 -5.01 11.25
CA ILE A 196 14.17 -5.55 12.58
C ILE A 196 14.16 -4.44 13.61
N SER A 197 15.07 -3.49 13.51
N SER A 197 15.03 -3.45 13.50
CA SER A 197 15.09 -2.38 14.45
CA SER A 197 15.07 -2.38 14.49
C SER A 197 13.78 -1.63 14.38
C SER A 197 13.83 -1.47 14.38
N LEU A 198 13.33 -1.28 13.17
CA LEU A 198 12.12 -0.47 13.06
C LEU A 198 10.94 -1.25 13.59
N ALA A 199 10.83 -2.53 13.27
CA ALA A 199 9.67 -3.27 13.77
C ALA A 199 9.69 -3.35 15.30
N LYS A 200 10.87 -3.55 15.90
CA LYS A 200 10.94 -3.73 17.35
C LYS A 200 10.66 -2.41 18.05
N THR A 201 11.25 -1.31 17.61
CA THR A 201 10.98 -0.02 18.21
C THR A 201 9.52 0.37 18.08
N THR A 202 8.93 0.12 16.89
CA THR A 202 7.52 0.44 16.71
C THR A 202 6.66 -0.37 17.64
N PHE A 203 6.93 -1.67 17.77
CA PHE A 203 6.13 -2.51 18.64
C PHE A 203 6.24 -2.03 20.08
N ASP A 204 7.45 -1.74 20.56
CA ASP A 204 7.67 -1.41 21.96
C ASP A 204 7.06 -0.06 22.30
N GLU A 205 7.13 0.89 21.40
CA GLU A 205 6.56 2.18 21.68
C GLU A 205 5.04 2.13 21.63
N ALA A 206 4.46 1.30 20.79
CA ALA A 206 3.01 1.09 20.83
C ALA A 206 2.58 0.40 22.11
N MET A 207 3.30 -0.65 22.53
CA MET A 207 2.93 -1.33 23.75
C MET A 207 2.83 -0.37 24.91
N ALA A 208 3.77 0.53 25.03
CA ALA A 208 3.80 1.49 26.14
C ALA A 208 2.73 2.55 26.07
N ASP A 209 2.00 2.67 24.95
CA ASP A 209 0.91 3.62 24.82
C ASP A 209 -0.45 2.94 24.84
N LEU A 210 -0.53 1.61 24.91
CA LEU A 210 -1.82 0.93 24.91
C LEU A 210 -2.71 1.36 26.07
N HIS A 211 -2.12 1.73 27.20
CA HIS A 211 -2.92 2.05 28.40
C HIS A 211 -3.83 3.24 28.17
N THR A 212 -3.55 4.06 27.15
CA THR A 212 -4.34 5.26 26.88
C THR A 212 -5.59 5.00 26.08
N LEU A 213 -5.80 3.81 25.57
CA LEU A 213 -6.78 3.49 24.55
C LEU A 213 -8.04 2.89 25.15
N SER A 214 -9.15 3.16 24.47
CA SER A 214 -10.41 2.43 24.69
C SER A 214 -10.27 0.97 24.25
N GLU A 215 -11.26 0.17 24.63
CA GLU A 215 -11.27 -1.23 24.22
C GLU A 215 -11.24 -1.37 22.70
N ASP A 216 -12.01 -0.53 21.99
CA ASP A 216 -12.05 -0.68 20.52
C ASP A 216 -10.73 -0.24 19.87
N SER A 217 -10.16 0.86 20.32
CA SER A 217 -8.86 1.30 19.79
C SER A 217 -7.75 0.31 20.14
N TYR A 218 -7.80 -0.26 21.35
CA TYR A 218 -6.86 -1.31 21.74
C TYR A 218 -6.91 -2.46 20.76
N LYS A 219 -8.11 -2.89 20.37
CA LYS A 219 -8.20 -3.98 19.41
C LYS A 219 -7.58 -3.60 18.06
N ASP A 220 -7.85 -2.37 17.60
CA ASP A 220 -7.30 -1.94 16.30
C ASP A 220 -5.76 -1.93 16.36
N SER A 221 -5.19 -1.35 17.40
CA SER A 221 -3.73 -1.26 17.47
C SER A 221 -3.07 -2.61 17.68
N THR A 222 -3.61 -3.46 18.57
CA THR A 222 -2.96 -4.72 18.86
C THR A 222 -2.99 -5.64 17.66
N LEU A 223 -4.03 -5.53 16.82
CA LEU A 223 -4.02 -6.35 15.60
C LEU A 223 -2.79 -6.08 14.75
N ILE A 224 -2.45 -4.82 14.55
CA ILE A 224 -1.27 -4.51 13.71
C ILE A 224 0.01 -4.79 14.44
N MET A 225 0.01 -4.60 15.76
CA MET A 225 1.19 -4.98 16.51
C MET A 225 1.51 -6.46 16.33
N GLN A 226 0.48 -7.31 16.24
CA GLN A 226 0.75 -8.72 16.06
C GLN A 226 1.42 -8.98 14.73
N LEU A 227 1.05 -8.21 13.68
CA LEU A 227 1.74 -8.34 12.40
C LEU A 227 3.21 -7.96 12.52
N LEU A 228 3.54 -6.90 13.28
CA LEU A 228 4.94 -6.59 13.50
C LEU A 228 5.64 -7.75 14.20
N ARG A 229 5.00 -8.31 15.24
CA ARG A 229 5.57 -9.46 15.95
C ARG A 229 5.73 -10.65 15.02
N ASP A 230 4.77 -10.90 14.13
CA ASP A 230 4.88 -12.05 13.23
C ASP A 230 6.09 -11.90 12.32
N ASN A 231 6.37 -10.67 11.87
CA ASN A 231 7.57 -10.47 11.05
C ASN A 231 8.82 -10.63 11.89
N LEU A 232 8.84 -10.07 13.09
CA LEU A 232 10.01 -10.27 13.94
C LEU A 232 10.28 -11.74 14.21
N THR A 233 9.23 -12.54 14.38
CA THR A 233 9.44 -13.97 14.60
C THR A 233 10.05 -14.64 13.37
N LEU A 234 9.61 -14.24 12.18
CA LEU A 234 10.18 -14.82 10.97
C LEU A 234 11.61 -14.34 10.75
N TRP A 235 11.97 -13.14 11.23
CA TRP A 235 13.24 -12.51 10.88
C TRP A 235 14.34 -12.74 11.91
N THR A 236 13.98 -13.27 13.08
CA THR A 236 14.95 -13.47 14.13
C THR A 236 14.89 -14.90 14.63
N ALA B 5 7.77 -12.42 4.96
CA ALA B 5 7.51 -11.13 5.61
C ALA B 5 6.19 -10.58 5.12
N GLY B 6 5.31 -10.24 6.05
CA GLY B 6 4.05 -9.68 5.63
C GLY B 6 3.87 -8.20 5.80
N SEP B 7 3.45 -7.53 4.72
CA SEP B 7 2.92 -6.17 4.83
CB SEP B 7 3.01 -5.52 3.44
OG SEP B 7 2.16 -6.31 2.57
C SEP B 7 1.47 -6.18 5.31
O SEP B 7 0.85 -7.24 5.47
P SEP B 7 2.26 -6.01 0.99
O1P SEP B 7 1.11 -6.90 0.40
O2P SEP B 7 3.61 -6.48 0.51
O3P SEP B 7 1.99 -4.53 0.77
N ILE B 8 0.89 -4.99 5.54
CA ILE B 8 -0.53 -4.88 5.87
C ILE B 8 -1.35 -5.58 4.78
N PRO B 9 -2.23 -6.56 5.10
CA PRO B 9 -3.02 -7.16 4.01
C PRO B 9 -3.80 -6.12 3.21
N GLY B 10 -4.60 -5.29 3.90
CA GLY B 10 -5.16 -4.09 3.32
C GLY B 10 -6.21 -4.38 2.27
N ARG B 11 -6.84 -5.55 2.31
CA ARG B 11 -7.72 -5.96 1.23
C ARG B 11 -9.20 -6.05 1.64
N ARG B 12 -9.55 -5.61 2.84
CA ARG B 12 -10.95 -5.60 3.30
C ARG B 12 -11.21 -4.26 4.00
N SER B 13 -12.30 -3.57 3.63
CA SER B 13 -12.59 -2.28 4.26
C SER B 13 -13.09 -2.54 5.70
C01 UVH C . -8.27 -5.79 9.44
C01 UVH C . -6.93 5.12 12.26
C02 UVH C . -8.99 -4.68 8.61
C02 UVH C . -7.36 4.96 10.75
C04 UVH C . -9.13 -2.50 8.08
C04 UVH C . -7.93 3.47 9.12
C05 UVH C . -8.33 -1.20 7.94
C05 UVH C . -8.09 1.98 8.74
C09 UVH C . -5.39 0.78 8.40
C09 UVH C . -5.25 0.01 8.22
C10 UVH C . -4.15 0.61 9.00
C10 UVH C . -5.41 0.11 6.86
C11 UVH C . -2.99 0.68 8.18
C11 UVH C . -4.32 0.52 6.07
C12 UVH C . -3.18 0.88 6.82
C12 UVH C . -3.13 0.81 6.70
C13 UVH C . -4.45 1.04 6.22
C13 UVH C . -2.95 0.72 8.11
C14 UVH C . -5.55 0.99 7.01
C14 UVH C . -4.02 0.31 8.88
C15 UVH C . -2.00 0.94 5.84
C15 UVH C . -2.00 1.26 5.78
C17 UVH C . -6.59 -1.97 9.23
C17 UVH C . -7.56 1.46 11.00
C18 UVH C . -7.20 -3.38 9.15
C18 UVH C . -6.96 2.85 11.03
C19 UVH C . -10.48 -4.74 8.88
C19 UVH C . -8.38 6.01 10.44
N03 UVH C . -8.55 -3.46 8.89
N03 UVH C . -7.81 3.75 10.48
N06 UVH C . -7.57 -0.89 9.12
N06 UVH C . -7.54 0.96 9.64
O08 UVH C . -6.75 1.06 10.72
O08 UVH C . -7.57 -1.40 8.45
O16 UVH C . -7.89 1.77 8.81
O16 UVH C . -6.25 -1.31 10.34
S07 UVH C . -6.98 0.72 9.31
S07 UVH C . -6.71 -0.50 9.22
C1 GOL D . -11.52 -8.59 -8.72
O1 GOL D . -12.01 -9.54 -7.95
C2 GOL D . -12.05 -8.76 -10.15
O2 GOL D . -11.95 -7.56 -10.80
C3 GOL D . -13.50 -9.19 -10.09
O3 GOL D . -14.01 -9.04 -11.39
#